data_4YXH
#
_entry.id   4YXH
#
_cell.length_a   84.282
_cell.length_b   106.580
_cell.length_c   75.775
_cell.angle_alpha   90.00
_cell.angle_beta   95.81
_cell.angle_gamma   90.00
#
_symmetry.space_group_name_H-M   'C 1 2 1'
#
loop_
_entity.id
_entity.type
_entity.pdbx_description
1 polymer 'Major prion protein'
2 polymer 'POM1 FAB HEAVY CHAIN'
3 polymer 'POM1 FAB LIGHT CHAIN'
4 non-polymer 'SODIUM ION'
5 water water
#
loop_
_entity_poly.entity_id
_entity_poly.type
_entity_poly.pdbx_seq_one_letter_code
_entity_poly.pdbx_strand_id
1 'polypeptide(L)'
;MGSSHHHHHHSSGLVPRGSHMLEDPHMVVGGLGGYMLGSAMNRPLIHFGNDYEDRYYRENMYRYPNQVYYRPVDQYNNQN
TFVHDCVNITVKQHTVTTTTKGENFTETDIKMMERVVEQMCITQYQRESQAYYQR
;
A
2 'polypeptide(L)'
;QVQLQQSGTELVMPGASVKMSCKASGYTFTDYWMHWVKQRPGQGLEWIGSIDPSDSYTSHNEKFKGKATLTVDESSSTAY
MQLSSLTSEDSAVYFCSRSGYGYYAMEYWGQGTSVTVSSAKTTPPSVYPLAPGGGATNSMVTLGCLVKGYFPEPVTVTWN
SGSLSGGVHTFPAVLQSDLYTLSSSVTVPSSTWPSETVTCNVAHPASSTKVDKKIVPR
;
H
3 'polypeptide(L)'
;DIVLTQSPAILSVSPGERVSFSCRASQNIGTSIHWYQQRTNESPRLIIKYASESISGIPSRFSGSGSGTDFTLSINSVES
EDIADYYCQQSNTWPYTFGGGTKLELKRADAAPTVSIFPPSSEQLTSGGASVVCFLNNFYPKDINVKWKIDGSERQNGVL
NSETDQDSKDSTYSMSSTLTLTKDEYERHNTYTCEATHKTSTSPIVKSFNRNE
;
L
#
loop_
_chem_comp.id
_chem_comp.type
_chem_comp.name
_chem_comp.formula
NA non-polymer 'SODIUM ION' 'Na 1'
#
# COMPACT_ATOMS: atom_id res chain seq x y z
N LEU A 32 -20.96 -9.02 -46.06
CA LEU A 32 -21.19 -10.03 -47.08
C LEU A 32 -22.65 -10.54 -47.04
N GLY A 33 -22.83 -11.74 -47.58
CA GLY A 33 -24.11 -12.42 -47.66
C GLY A 33 -24.51 -13.23 -46.43
N GLY A 34 -25.81 -13.28 -46.19
CA GLY A 34 -26.32 -14.04 -45.07
C GLY A 34 -26.39 -13.13 -43.86
N TYR A 35 -25.85 -11.92 -43.97
CA TYR A 35 -25.92 -11.06 -42.81
C TYR A 35 -27.23 -10.38 -42.88
N MET A 36 -27.68 -9.98 -41.70
CA MET A 36 -28.85 -9.19 -41.48
C MET A 36 -28.55 -7.95 -40.64
N LEU A 37 -29.37 -6.92 -40.80
CA LEU A 37 -29.21 -5.68 -40.06
C LEU A 37 -30.35 -5.62 -39.06
N GLY A 38 -29.98 -5.57 -37.77
CA GLY A 38 -30.92 -5.46 -36.67
C GLY A 38 -31.63 -4.12 -36.62
N SER A 39 -32.72 -4.03 -35.87
CA SER A 39 -33.37 -2.75 -35.70
C SER A 39 -32.50 -1.83 -34.81
N ALA A 40 -32.68 -0.51 -34.99
CA ALA A 40 -31.93 0.50 -34.24
C ALA A 40 -32.23 0.44 -32.75
N MET A 41 -31.24 0.79 -31.95
CA MET A 41 -31.42 0.79 -30.51
C MET A 41 -30.94 2.05 -29.84
N ASN A 42 -31.37 2.25 -28.60
CA ASN A 42 -30.96 3.43 -27.86
C ASN A 42 -29.50 3.37 -27.58
N ARG A 43 -28.80 4.46 -27.80
CA ARG A 43 -27.40 4.52 -27.52
C ARG A 43 -27.26 4.59 -26.03
N PRO A 44 -26.55 3.67 -25.42
CA PRO A 44 -26.47 3.74 -23.96
C PRO A 44 -25.53 4.85 -23.55
N LEU A 45 -25.78 5.39 -22.37
CA LEU A 45 -24.77 6.22 -21.78
C LEU A 45 -23.63 5.24 -21.37
N ILE A 46 -22.42 5.45 -21.83
CA ILE A 46 -21.27 4.60 -21.43
C ILE A 46 -20.14 5.41 -20.76
N HIS A 47 -19.63 4.92 -19.63
CA HIS A 47 -18.53 5.60 -18.92
C HIS A 47 -17.21 4.83 -19.16
N PHE A 48 -16.19 5.56 -19.57
CA PHE A 48 -14.96 4.92 -19.97
C PHE A 48 -13.82 4.97 -18.96
N GLY A 49 -14.08 5.55 -17.79
CA GLY A 49 -13.17 5.47 -16.67
C GLY A 49 -12.22 6.65 -16.50
N ASN A 50 -12.23 7.61 -17.42
CA ASN A 50 -11.41 8.83 -17.24
C ASN A 50 -12.10 10.06 -17.91
N ASP A 51 -11.67 11.29 -17.58
CA ASP A 51 -12.40 12.50 -17.96
C ASP A 51 -12.35 12.63 -19.49
N TYR A 52 -11.19 12.36 -20.08
CA TYR A 52 -11.08 12.54 -21.53
C TYR A 52 -11.91 11.59 -22.35
N GLU A 53 -11.86 10.30 -22.04
CA GLU A 53 -12.65 9.40 -22.82
C GLU A 53 -14.15 9.63 -22.60
N ASP A 54 -14.55 9.97 -21.38
CA ASP A 54 -15.97 10.21 -21.13
C ASP A 54 -16.43 11.37 -21.99
N ARG A 55 -15.63 12.44 -21.98
CA ARG A 55 -15.97 13.59 -22.77
C ARG A 55 -15.93 13.28 -24.28
N TYR A 56 -14.85 12.63 -24.72
CA TYR A 56 -14.68 12.20 -26.12
C TYR A 56 -15.86 11.37 -26.59
N TYR A 57 -16.22 10.38 -25.82
CA TYR A 57 -17.35 9.55 -26.16
C TYR A 57 -18.63 10.37 -26.33
N ARG A 58 -18.94 11.20 -25.33
CA ARG A 58 -20.14 12.05 -25.39
C ARG A 58 -20.15 12.85 -26.70
N GLU A 59 -18.99 13.36 -27.11
CA GLU A 59 -18.91 14.16 -28.32
C GLU A 59 -18.89 13.38 -29.66
N ASN A 60 -18.30 12.20 -29.66
CA ASN A 60 -18.11 11.48 -30.90
C ASN A 60 -19.08 10.34 -31.15
N MET A 61 -19.94 10.06 -30.17
CA MET A 61 -20.76 8.85 -30.24
C MET A 61 -21.79 8.86 -31.42
N TYR A 62 -22.10 10.04 -31.95
CA TYR A 62 -23.04 10.09 -33.06
C TYR A 62 -22.46 9.44 -34.30
N ARG A 63 -21.12 9.32 -34.31
CA ARG A 63 -20.33 8.75 -35.40
C ARG A 63 -20.29 7.21 -35.38
N TYR A 64 -20.87 6.61 -34.36
CA TYR A 64 -20.80 5.16 -34.22
C TYR A 64 -22.12 4.48 -34.52
N PRO A 65 -22.07 3.17 -34.87
CA PRO A 65 -23.32 2.53 -35.31
C PRO A 65 -24.36 2.57 -34.25
N ASN A 66 -25.64 2.64 -34.62
CA ASN A 66 -26.72 2.43 -33.68
C ASN A 66 -27.51 1.16 -34.00
N GLN A 67 -26.95 0.34 -34.89
CA GLN A 67 -27.53 -0.98 -35.16
C GLN A 67 -26.45 -1.94 -35.63
N VAL A 68 -26.74 -3.22 -35.50
CA VAL A 68 -25.70 -4.22 -35.77
C VAL A 68 -26.06 -5.15 -36.93
N TYR A 69 -25.01 -5.64 -37.59
CA TYR A 69 -25.16 -6.70 -38.57
C TYR A 69 -24.82 -8.03 -37.91
N TYR A 70 -25.56 -9.07 -38.27
CA TYR A 70 -25.28 -10.37 -37.72
C TYR A 70 -25.71 -11.53 -38.61
N ARG A 71 -25.21 -12.73 -38.31
CA ARG A 71 -25.73 -13.94 -38.93
C ARG A 71 -26.82 -14.52 -38.06
N PRO A 72 -27.76 -15.25 -38.66
CA PRO A 72 -28.86 -15.85 -37.90
C PRO A 72 -28.36 -16.59 -36.65
N VAL A 73 -29.06 -16.44 -35.54
CA VAL A 73 -28.56 -17.00 -34.29
C VAL A 73 -28.32 -18.55 -34.28
N ASP A 74 -29.09 -19.33 -35.06
CA ASP A 74 -28.90 -20.80 -35.07
C ASP A 74 -27.49 -21.22 -35.52
N GLN A 75 -26.82 -20.32 -36.23
CA GLN A 75 -25.55 -20.59 -36.87
C GLN A 75 -24.31 -20.37 -36.03
N TYR A 76 -24.50 -20.20 -34.73
CA TYR A 76 -23.41 -19.96 -33.81
C TYR A 76 -23.44 -20.95 -32.65
N ASN A 77 -22.27 -21.21 -32.09
CA ASN A 77 -22.14 -22.20 -31.05
C ASN A 77 -22.53 -21.74 -29.67
N ASN A 78 -22.57 -20.42 -29.48
CA ASN A 78 -22.93 -19.79 -28.21
C ASN A 78 -22.90 -18.28 -28.34
N GLN A 79 -23.19 -17.59 -27.25
CA GLN A 79 -23.27 -16.14 -27.25
C GLN A 79 -21.93 -15.47 -27.61
N ASN A 80 -20.82 -15.87 -26.98
CA ASN A 80 -19.54 -15.20 -27.25
C ASN A 80 -19.14 -15.17 -28.71
N THR A 81 -19.35 -16.28 -29.40
CA THR A 81 -19.03 -16.36 -30.82
C THR A 81 -19.87 -15.44 -31.67
N PHE A 82 -21.18 -15.48 -31.44
CA PHE A 82 -22.13 -14.62 -32.14
C PHE A 82 -21.73 -13.18 -31.93
N VAL A 83 -21.54 -12.79 -30.68
CA VAL A 83 -21.22 -11.43 -30.37
C VAL A 83 -19.93 -11.01 -31.08
N HIS A 84 -18.88 -11.81 -30.93
CA HIS A 84 -17.55 -11.57 -31.52
C HIS A 84 -17.73 -11.29 -33.03
N ASP A 85 -18.56 -12.10 -33.66
CA ASP A 85 -18.72 -11.97 -35.09
C ASP A 85 -19.48 -10.72 -35.44
N CYS A 86 -20.58 -10.50 -34.74
CA CYS A 86 -21.40 -9.31 -34.89
C CYS A 86 -20.57 -8.02 -34.75
N VAL A 87 -19.68 -8.04 -33.79
CA VAL A 87 -18.83 -6.89 -33.56
C VAL A 87 -17.87 -6.64 -34.73
N ASN A 88 -17.11 -7.66 -35.13
CA ASN A 88 -16.20 -7.45 -36.24
C ASN A 88 -16.83 -7.04 -37.57
N ILE A 89 -17.90 -7.73 -37.93
CA ILE A 89 -18.58 -7.43 -39.15
C ILE A 89 -19.17 -6.03 -39.13
N THR A 90 -19.87 -5.68 -38.06
CA THR A 90 -20.49 -4.35 -37.93
C THR A 90 -19.47 -3.24 -37.98
N VAL A 91 -18.37 -3.41 -37.28
CA VAL A 91 -17.38 -2.36 -37.26
C VAL A 91 -16.72 -2.22 -38.63
N LYS A 92 -16.45 -3.36 -39.28
CA LYS A 92 -15.85 -3.36 -40.61
C LYS A 92 -16.71 -2.60 -41.57
N GLN A 93 -17.99 -2.94 -41.58
CA GLN A 93 -18.94 -2.29 -42.46
C GLN A 93 -19.14 -0.80 -42.18
N HIS A 94 -19.14 -0.46 -40.90
CA HIS A 94 -19.33 0.93 -40.56
C HIS A 94 -18.10 1.70 -41.00
N THR A 95 -16.95 1.06 -40.91
CA THR A 95 -15.70 1.73 -41.26
C THR A 95 -15.66 1.97 -42.75
N VAL A 96 -16.11 1.00 -43.54
CA VAL A 96 -16.12 1.29 -44.97
C VAL A 96 -17.15 2.40 -45.32
N THR A 97 -18.33 2.41 -44.71
CA THR A 97 -19.29 3.48 -45.08
C THR A 97 -18.89 4.87 -44.56
N THR A 98 -18.24 4.91 -43.41
CA THR A 98 -17.78 6.18 -42.90
C THR A 98 -16.61 6.66 -43.77
N THR A 99 -15.70 5.75 -44.13
CA THR A 99 -14.58 6.13 -45.00
C THR A 99 -15.01 6.70 -46.36
N THR A 100 -15.99 6.07 -47.00
CA THR A 100 -16.58 6.55 -48.25
C THR A 100 -17.08 8.01 -48.12
N LYS A 101 -17.57 8.38 -46.94
CA LYS A 101 -18.08 9.74 -46.73
C LYS A 101 -16.89 10.66 -46.49
N GLY A 102 -15.69 10.09 -46.57
CA GLY A 102 -14.44 10.81 -46.42
C GLY A 102 -14.01 11.06 -44.96
N GLU A 103 -14.63 10.36 -43.99
CA GLU A 103 -14.32 10.57 -42.59
C GLU A 103 -13.53 9.34 -42.05
N ASN A 104 -12.83 9.52 -40.93
CA ASN A 104 -12.04 8.39 -40.44
C ASN A 104 -12.13 8.14 -38.94
N PHE A 105 -11.98 6.88 -38.59
CA PHE A 105 -11.93 6.51 -37.20
C PHE A 105 -10.54 6.37 -36.68
N THR A 106 -10.32 6.99 -35.54
CA THR A 106 -9.07 6.91 -34.87
C THR A 106 -9.09 5.62 -34.07
N GLU A 107 -7.97 5.33 -33.43
CA GLU A 107 -7.80 4.13 -32.63
C GLU A 107 -8.72 4.10 -31.41
N THR A 108 -8.97 5.28 -30.86
CA THR A 108 -9.92 5.46 -29.78
C THR A 108 -11.32 5.21 -30.31
N ASP A 109 -11.61 5.73 -31.50
CA ASP A 109 -12.91 5.53 -32.10
C ASP A 109 -13.23 4.06 -32.18
N ILE A 110 -12.24 3.31 -32.67
CA ILE A 110 -12.38 1.87 -32.84
C ILE A 110 -12.58 1.16 -31.51
N LYS A 111 -11.82 1.55 -30.49
CA LYS A 111 -12.00 0.96 -29.16
C LYS A 111 -13.40 1.21 -28.55
N MET A 112 -13.88 2.43 -28.69
CA MET A 112 -15.16 2.79 -28.11
C MET A 112 -16.28 2.13 -28.87
N MET A 113 -16.13 2.18 -30.19
CA MET A 113 -17.07 1.56 -31.09
C MET A 113 -17.12 0.09 -30.77
N GLU A 114 -15.98 -0.56 -30.58
CA GLU A 114 -15.96 -1.96 -30.22
C GLU A 114 -16.78 -2.22 -28.94
N ARG A 115 -16.55 -1.40 -27.92
CA ARG A 115 -17.23 -1.65 -26.67
C ARG A 115 -18.75 -1.51 -26.83
N VAL A 116 -19.17 -0.43 -27.48
CA VAL A 116 -20.61 -0.18 -27.60
C VAL A 116 -21.30 -1.12 -28.58
N VAL A 117 -20.62 -1.48 -29.66
CA VAL A 117 -21.18 -2.45 -30.57
C VAL A 117 -21.25 -3.80 -29.86
N GLU A 118 -20.27 -4.13 -28.98
CA GLU A 118 -20.37 -5.38 -28.22
C GLU A 118 -21.61 -5.37 -27.37
N GLN A 119 -21.86 -4.27 -26.64
CA GLN A 119 -23.15 -4.16 -25.89
C GLN A 119 -24.38 -4.36 -26.75
N MET A 120 -24.40 -3.70 -27.91
CA MET A 120 -25.56 -3.81 -28.78
C MET A 120 -25.73 -5.22 -29.31
N CYS A 121 -24.61 -5.88 -29.62
CA CYS A 121 -24.67 -7.25 -30.11
C CYS A 121 -25.19 -8.20 -29.04
N ILE A 122 -24.83 -7.96 -27.80
CA ILE A 122 -25.38 -8.76 -26.71
C ILE A 122 -26.90 -8.57 -26.64
N THR A 123 -27.36 -7.31 -26.74
CA THR A 123 -28.79 -7.09 -26.73
C THR A 123 -29.47 -7.79 -27.89
N GLN A 124 -28.86 -7.73 -29.07
CA GLN A 124 -29.44 -8.36 -30.26
C GLN A 124 -29.56 -9.86 -30.08
N TYR A 125 -28.51 -10.47 -29.54
CA TYR A 125 -28.51 -11.89 -29.31
C TYR A 125 -29.64 -12.23 -28.33
N GLN A 126 -29.74 -11.49 -27.23
CA GLN A 126 -30.81 -11.72 -26.26
C GLN A 126 -32.19 -11.67 -26.91
N ARG A 127 -32.37 -10.68 -27.77
CA ARG A 127 -33.64 -10.48 -28.45
C ARG A 127 -33.87 -11.62 -29.46
N GLU A 128 -32.86 -12.03 -30.21
CA GLU A 128 -32.99 -13.13 -31.18
C GLU A 128 -33.27 -14.42 -30.48
N SER A 129 -32.58 -14.60 -29.38
CA SER A 129 -32.72 -15.77 -28.55
C SER A 129 -34.10 -16.04 -27.94
N GLN A 130 -34.89 -15.08 -27.44
CA GLN A 130 -36.16 -15.58 -26.92
C GLN A 130 -37.18 -15.38 -28.03
N ALA A 131 -37.10 -16.33 -28.95
CA ALA A 131 -38.02 -16.67 -30.02
C ALA A 131 -37.73 -18.17 -29.98
N TYR A 132 -36.50 -18.40 -30.46
CA TYR A 132 -35.78 -19.65 -30.56
C TYR A 132 -35.49 -20.32 -29.21
N GLN B 1 -24.95 4.14 3.58
CA GLN B 1 -23.52 4.45 3.70
C GLN B 1 -22.73 3.42 2.88
N VAL B 2 -21.88 3.92 1.99
CA VAL B 2 -21.05 3.07 1.18
C VAL B 2 -19.98 2.34 1.98
N GLN B 3 -19.91 1.03 1.82
CA GLN B 3 -18.80 0.26 2.37
C GLN B 3 -18.17 -0.66 1.29
N LEU B 4 -16.86 -0.86 1.40
CA LEU B 4 -16.15 -1.79 0.50
C LEU B 4 -15.42 -2.78 1.38
N GLN B 5 -15.87 -4.04 1.37
CA GLN B 5 -15.31 -5.01 2.29
C GLN B 5 -14.27 -5.96 1.67
N GLN B 6 -13.06 -5.87 2.21
CA GLN B 6 -11.93 -6.71 1.81
C GLN B 6 -11.41 -7.56 2.98
N SER B 7 -11.04 -8.79 2.64
CA SER B 7 -10.39 -9.69 3.56
C SER B 7 -9.13 -9.01 4.08
N GLY B 8 -8.81 -9.22 5.36
CA GLY B 8 -7.66 -8.54 5.95
C GLY B 8 -6.28 -8.88 5.43
N THR B 9 -6.03 -10.18 5.28
CA THR B 9 -4.73 -10.74 4.97
C THR B 9 -4.80 -11.97 4.07
N GLU B 10 -3.70 -12.26 3.36
CA GLU B 10 -3.59 -13.55 2.67
C GLU B 10 -2.15 -14.06 2.77
N LEU B 11 -2.02 -15.31 3.18
CA LEU B 11 -0.71 -15.95 3.15
C LEU B 11 -0.68 -16.87 1.95
N VAL B 12 0.29 -16.62 1.08
CA VAL B 12 0.34 -17.30 -0.22
C VAL B 12 1.72 -17.90 -0.48
N MET B 13 1.73 -19.08 -1.06
CA MET B 13 2.99 -19.70 -1.40
C MET B 13 3.51 -19.07 -2.68
N PRO B 14 4.83 -18.92 -2.80
CA PRO B 14 5.38 -18.45 -4.07
C PRO B 14 4.90 -19.34 -5.21
N GLY B 15 4.51 -18.70 -6.32
CA GLY B 15 4.05 -19.41 -7.49
C GLY B 15 2.56 -19.67 -7.56
N ALA B 16 1.88 -19.55 -6.42
CA ALA B 16 0.45 -19.79 -6.35
C ALA B 16 -0.32 -18.55 -6.77
N SER B 17 -1.65 -18.65 -6.85
CA SER B 17 -2.48 -17.48 -7.14
C SER B 17 -3.33 -17.16 -5.95
N VAL B 18 -3.82 -15.93 -5.93
CA VAL B 18 -4.78 -15.52 -4.93
C VAL B 18 -5.87 -14.69 -5.62
N LYS B 19 -7.10 -14.86 -5.18
CA LYS B 19 -8.18 -14.09 -5.74
C LYS B 19 -8.80 -13.28 -4.63
N MET B 20 -8.64 -11.96 -4.72
CA MET B 20 -9.05 -11.04 -3.68
C MET B 20 -10.42 -10.48 -3.98
N SER B 21 -11.22 -10.39 -2.94
CA SER B 21 -12.57 -9.91 -3.10
C SER B 21 -12.69 -8.52 -2.50
N CYS B 22 -13.65 -7.77 -3.02
CA CYS B 22 -13.99 -6.43 -2.53
C CYS B 22 -15.50 -6.36 -2.62
N LYS B 23 -16.17 -6.50 -1.50
CA LYS B 23 -17.63 -6.58 -1.55
C LYS B 23 -18.23 -5.21 -1.33
N ALA B 24 -19.02 -4.72 -2.27
CA ALA B 24 -19.51 -3.35 -2.16
C ALA B 24 -20.92 -3.36 -1.58
N SER B 25 -21.27 -2.32 -0.83
CA SER B 25 -22.64 -2.23 -0.37
C SER B 25 -23.02 -0.77 -0.20
N GLY B 26 -24.34 -0.52 -0.19
CA GLY B 26 -24.88 0.78 0.16
C GLY B 26 -25.12 1.72 -1.02
N TYR B 27 -25.02 1.21 -2.26
CA TYR B 27 -25.27 1.96 -3.47
C TYR B 27 -25.46 1.01 -4.65
N THR B 28 -25.84 1.54 -5.81
CA THR B 28 -26.05 0.69 -6.97
C THR B 28 -24.75 0.25 -7.66
N PHE B 29 -24.43 -1.03 -7.52
CA PHE B 29 -23.13 -1.57 -7.89
C PHE B 29 -22.65 -1.29 -9.32
N THR B 30 -23.52 -1.44 -10.32
CA THR B 30 -23.09 -1.32 -11.71
C THR B 30 -22.97 0.17 -12.12
N ASP B 31 -23.30 1.08 -11.23
CA ASP B 31 -23.29 2.49 -11.61
C ASP B 31 -21.89 3.16 -11.48
N TYR B 32 -20.93 2.47 -10.88
CA TYR B 32 -19.62 3.05 -10.55
C TYR B 32 -18.44 2.17 -10.92
N TRP B 33 -17.40 2.79 -11.43
CA TRP B 33 -16.14 2.09 -11.62
C TRP B 33 -15.47 1.64 -10.33
N MET B 34 -14.82 0.48 -10.39
CA MET B 34 -14.04 0.00 -9.26
C MET B 34 -12.56 -0.07 -9.63
N HIS B 35 -11.70 0.15 -8.64
CA HIS B 35 -10.28 0.34 -8.91
C HIS B 35 -9.45 -0.49 -7.94
N TRP B 36 -8.26 -0.90 -8.38
CA TRP B 36 -7.34 -1.67 -7.54
C TRP B 36 -6.00 -0.99 -7.48
N VAL B 37 -5.47 -0.86 -6.27
CA VAL B 37 -4.29 -0.08 -6.06
C VAL B 37 -3.32 -0.90 -5.22
N LYS B 38 -2.06 -0.94 -5.62
CA LYS B 38 -1.07 -1.70 -4.89
C LYS B 38 -0.24 -0.75 -4.03
N GLN B 39 0.12 -1.19 -2.83
CA GLN B 39 1.08 -0.45 -2.03
C GLN B 39 2.08 -1.38 -1.32
N ARG B 40 3.34 -1.30 -1.75
CA ARG B 40 4.44 -2.01 -1.12
C ARG B 40 4.77 -1.31 0.18
N PRO B 41 5.27 -2.05 1.19
CA PRO B 41 5.57 -1.49 2.52
C PRO B 41 6.45 -0.24 2.52
N GLY B 42 6.00 0.80 3.22
CA GLY B 42 6.75 2.04 3.26
C GLY B 42 6.83 2.80 1.97
N GLN B 43 6.12 2.33 0.94
CA GLN B 43 6.15 2.99 -0.37
C GLN B 43 4.81 3.65 -0.69
N GLY B 44 4.75 4.22 -1.89
CA GLY B 44 3.61 4.98 -2.33
C GLY B 44 2.57 4.11 -2.96
N LEU B 45 1.52 4.75 -3.47
CA LEU B 45 0.46 4.05 -4.16
C LEU B 45 0.77 3.78 -5.63
N GLU B 46 0.43 2.58 -6.10
CA GLU B 46 0.56 2.26 -7.52
C GLU B 46 -0.75 1.70 -8.10
N TRP B 47 -1.21 2.28 -9.21
CA TRP B 47 -2.46 1.81 -9.85
C TRP B 47 -2.23 0.50 -10.58
N ILE B 48 -3.13 -0.47 -10.34
CA ILE B 48 -3.09 -1.76 -11.06
C ILE B 48 -4.01 -1.86 -12.30
N GLY B 49 -5.26 -1.51 -12.04
CA GLY B 49 -6.29 -1.63 -13.03
C GLY B 49 -7.66 -1.34 -12.44
N SER B 50 -8.59 -1.14 -13.35
CA SER B 50 -9.90 -0.74 -13.01
C SER B 50 -10.88 -1.44 -13.88
N ILE B 51 -12.11 -1.55 -13.39
CA ILE B 51 -13.19 -2.25 -14.09
C ILE B 51 -14.54 -1.54 -14.00
N ASP B 52 -15.27 -1.56 -15.10
CA ASP B 52 -16.66 -1.11 -15.14
C ASP B 52 -17.53 -2.32 -14.91
N PRO B 53 -18.16 -2.39 -13.73
CA PRO B 53 -19.00 -3.55 -13.36
C PRO B 53 -20.20 -3.76 -14.25
N SER B 54 -20.60 -2.74 -15.00
CA SER B 54 -21.76 -2.88 -15.87
C SER B 54 -21.58 -3.91 -16.95
N ASP B 55 -20.41 -3.89 -17.57
CA ASP B 55 -20.08 -4.82 -18.66
C ASP B 55 -18.73 -5.52 -18.54
N SER B 56 -18.04 -5.32 -17.42
CA SER B 56 -16.72 -5.93 -17.16
C SER B 56 -15.62 -5.46 -18.09
N TYR B 57 -15.83 -4.31 -18.70
CA TYR B 57 -14.79 -3.62 -19.39
C TYR B 57 -13.62 -3.25 -18.46
N THR B 58 -12.38 -3.42 -18.91
CA THR B 58 -11.25 -3.12 -18.04
C THR B 58 -10.23 -2.19 -18.64
N SER B 59 -9.42 -1.61 -17.75
CA SER B 59 -8.24 -0.85 -18.15
C SER B 59 -7.13 -1.27 -17.15
N HIS B 60 -5.91 -1.47 -17.61
CA HIS B 60 -4.85 -1.93 -16.72
C HIS B 60 -3.66 -1.02 -16.77
N ASN B 61 -2.97 -0.91 -15.65
CA ASN B 61 -1.60 -0.46 -15.69
C ASN B 61 -0.93 -1.46 -16.63
N GLU B 62 -0.23 -0.97 -17.65
CA GLU B 62 0.38 -1.82 -18.68
C GLU B 62 1.17 -3.01 -18.08
N LYS B 63 1.88 -2.77 -16.99
CA LYS B 63 2.70 -3.82 -16.43
C LYS B 63 1.87 -4.90 -15.68
N PHE B 64 0.57 -4.65 -15.48
CA PHE B 64 -0.27 -5.65 -14.77
C PHE B 64 -1.19 -6.45 -15.71
N LYS B 65 -1.15 -6.16 -17.00
CA LYS B 65 -1.98 -6.88 -17.95
C LYS B 65 -1.37 -8.26 -18.17
N GLY B 66 -2.04 -9.30 -17.71
CA GLY B 66 -1.46 -10.64 -17.77
C GLY B 66 -1.10 -11.07 -16.36
N LYS B 67 -1.14 -10.13 -15.44
CA LYS B 67 -0.77 -10.41 -14.08
C LYS B 67 -2.03 -10.29 -13.22
N ALA B 68 -2.81 -9.27 -13.46
CA ALA B 68 -3.99 -9.05 -12.65
C ALA B 68 -5.23 -9.24 -13.51
N THR B 69 -6.08 -10.18 -13.10
CA THR B 69 -7.29 -10.47 -13.85
C THR B 69 -8.45 -9.90 -13.04
N LEU B 70 -9.18 -8.96 -13.65
CA LEU B 70 -10.26 -8.27 -12.94
C LEU B 70 -11.62 -8.74 -13.39
N THR B 71 -12.44 -9.08 -12.40
CA THR B 71 -13.80 -9.46 -12.69
C THR B 71 -14.81 -8.92 -11.67
N VAL B 72 -16.10 -9.08 -11.96
CA VAL B 72 -17.10 -8.83 -10.91
C VAL B 72 -18.12 -9.95 -10.86
N ASP B 73 -18.81 -10.04 -9.72
CA ASP B 73 -20.01 -10.87 -9.63
C ASP B 73 -21.13 -9.92 -9.28
N GLU B 74 -21.89 -9.59 -10.32
CA GLU B 74 -22.89 -8.56 -10.26
C GLU B 74 -23.92 -9.01 -9.25
N SER B 75 -24.13 -10.32 -9.23
CA SER B 75 -25.16 -10.88 -8.36
C SER B 75 -24.80 -10.71 -6.89
N SER B 76 -23.51 -10.80 -6.53
CA SER B 76 -23.08 -10.57 -5.13
C SER B 76 -22.44 -9.21 -4.90
N SER B 77 -22.55 -8.29 -5.87
CA SER B 77 -21.95 -6.95 -5.79
C SER B 77 -20.52 -7.05 -5.33
N THR B 78 -19.76 -7.91 -5.99
CA THR B 78 -18.39 -8.12 -5.55
C THR B 78 -17.39 -7.95 -6.66
N ALA B 79 -16.31 -7.23 -6.35
CA ALA B 79 -15.26 -7.08 -7.35
C ALA B 79 -14.13 -8.01 -6.96
N TYR B 80 -13.51 -8.61 -7.96
CA TYR B 80 -12.40 -9.49 -7.71
C TYR B 80 -11.17 -9.10 -8.50
N MET B 81 -10.01 -9.30 -7.86
CA MET B 81 -8.75 -9.23 -8.59
C MET B 81 -7.98 -10.51 -8.35
N GLN B 82 -7.65 -11.22 -9.40
CA GLN B 82 -6.80 -12.39 -9.22
C GLN B 82 -5.35 -12.10 -9.65
N LEU B 83 -4.43 -12.33 -8.72
CA LEU B 83 -3.00 -12.22 -9.03
C LEU B 83 -2.41 -13.62 -9.08
N SER B 84 -1.65 -13.86 -10.14
CA SER B 84 -1.08 -15.18 -10.41
C SER B 84 0.45 -15.20 -10.35
N SER B 85 1.02 -16.41 -10.21
CA SER B 85 2.45 -16.64 -10.17
C SER B 85 3.09 -15.73 -9.17
N LEU B 86 2.68 -15.84 -7.90
CA LEU B 86 3.09 -14.86 -6.93
C LEU B 86 4.59 -14.96 -6.55
N THR B 87 5.23 -13.81 -6.39
CA THR B 87 6.58 -13.74 -5.85
C THR B 87 6.62 -12.77 -4.70
N SER B 88 7.79 -12.63 -4.06
CA SER B 88 7.92 -11.66 -2.96
C SER B 88 7.66 -10.22 -3.44
N GLU B 89 7.79 -9.96 -4.73
CA GLU B 89 7.49 -8.66 -5.33
C GLU B 89 6.01 -8.32 -5.20
N ASP B 90 5.20 -9.36 -5.02
CA ASP B 90 3.76 -9.17 -4.93
C ASP B 90 3.28 -8.95 -3.48
N SER B 91 4.17 -9.08 -2.50
CA SER B 91 3.81 -8.77 -1.11
C SER B 91 3.51 -7.33 -0.90
N ALA B 92 2.26 -7.03 -0.58
CA ALA B 92 1.85 -5.64 -0.48
C ALA B 92 0.45 -5.59 0.03
N VAL B 93 -0.05 -4.38 0.29
CA VAL B 93 -1.48 -4.21 0.55
C VAL B 93 -2.18 -3.81 -0.77
N TYR B 94 -3.32 -4.47 -1.05
CA TYR B 94 -4.07 -4.14 -2.25
C TYR B 94 -5.38 -3.54 -1.80
N PHE B 95 -5.58 -2.29 -2.19
CA PHE B 95 -6.81 -1.60 -1.89
C PHE B 95 -7.74 -1.68 -3.09
N CYS B 96 -9.03 -1.84 -2.83
CA CYS B 96 -10.01 -1.53 -3.83
C CYS B 96 -10.63 -0.19 -3.49
N SER B 97 -11.16 0.49 -4.51
CA SER B 97 -11.74 1.82 -4.30
C SER B 97 -12.80 2.07 -5.33
N ARG B 98 -13.66 3.02 -5.05
CA ARG B 98 -14.76 3.29 -5.93
C ARG B 98 -14.82 4.77 -6.28
N SER B 99 -14.93 5.05 -7.60
CA SER B 99 -15.04 6.45 -8.00
C SER B 99 -16.51 6.92 -8.02
N GLY B 100 -16.73 8.11 -8.57
CA GLY B 100 -18.04 8.71 -8.61
C GLY B 100 -18.77 8.32 -9.90
N TYR B 101 -19.89 9.01 -10.19
CA TYR B 101 -20.65 8.65 -11.37
C TYR B 101 -20.20 9.48 -12.54
N GLY B 102 -19.38 8.84 -13.36
CA GLY B 102 -18.81 9.54 -14.50
C GLY B 102 -17.76 10.50 -14.01
N TYR B 103 -17.37 10.38 -12.76
CA TYR B 103 -16.28 11.19 -12.23
C TYR B 103 -15.35 10.17 -11.50
N TYR B 104 -14.04 10.46 -11.56
CA TYR B 104 -13.02 9.46 -11.23
C TYR B 104 -12.05 9.79 -10.09
N ALA B 105 -12.47 10.62 -9.14
CA ALA B 105 -11.76 10.64 -7.85
C ALA B 105 -12.13 9.36 -7.12
N MET B 106 -11.17 8.78 -6.41
CA MET B 106 -11.52 7.58 -5.68
C MET B 106 -12.11 7.98 -4.34
N GLU B 107 -13.44 7.93 -4.30
CA GLU B 107 -14.32 8.46 -3.25
C GLU B 107 -14.38 7.51 -2.05
N TYR B 108 -14.44 6.21 -2.36
CA TYR B 108 -14.51 5.23 -1.29
C TYR B 108 -13.40 4.22 -1.36
N TRP B 109 -12.87 3.86 -0.20
CA TRP B 109 -11.74 2.92 -0.15
C TRP B 109 -12.02 1.71 0.74
N GLY B 110 -11.60 0.55 0.26
CA GLY B 110 -11.59 -0.62 1.09
C GLY B 110 -10.55 -0.51 2.17
N GLN B 111 -10.56 -1.42 3.11
CA GLN B 111 -9.60 -1.32 4.16
C GLN B 111 -8.25 -1.91 3.71
N GLY B 112 -8.22 -2.56 2.55
CA GLY B 112 -7.00 -3.12 1.98
C GLY B 112 -6.76 -4.57 2.42
N THR B 113 -6.32 -5.41 1.50
CA THR B 113 -5.96 -6.78 1.81
C THR B 113 -4.45 -6.91 1.82
N SER B 114 -3.92 -7.27 2.98
CA SER B 114 -2.51 -7.44 3.11
C SER B 114 -2.06 -8.81 2.69
N VAL B 115 -1.32 -8.86 1.58
CA VAL B 115 -0.82 -10.12 1.01
C VAL B 115 0.65 -10.35 1.37
N THR B 116 0.87 -11.54 1.91
CA THR B 116 2.19 -12.06 2.24
C THR B 116 2.57 -13.28 1.42
N VAL B 117 3.64 -13.18 0.65
CA VAL B 117 4.10 -14.33 -0.16
C VAL B 117 5.27 -15.03 0.54
N SER B 118 5.04 -16.26 0.97
CA SER B 118 6.06 -16.96 1.75
C SER B 118 5.87 -18.48 1.75
N SER B 119 7.00 -19.19 1.80
CA SER B 119 7.04 -20.65 1.93
C SER B 119 7.22 -21.13 3.35
N ALA B 120 7.33 -20.20 4.28
CA ALA B 120 7.53 -20.51 5.69
C ALA B 120 6.33 -21.27 6.22
N LYS B 121 6.53 -22.18 7.17
CA LYS B 121 5.37 -22.82 7.79
C LYS B 121 5.10 -22.08 9.07
N THR B 122 3.90 -22.23 9.65
CA THR B 122 3.61 -21.55 10.90
C THR B 122 4.73 -21.97 11.87
N THR B 123 5.40 -20.96 12.39
CA THR B 123 6.57 -21.20 13.21
C THR B 123 6.55 -20.40 14.45
N PRO B 124 6.57 -21.10 15.60
CA PRO B 124 6.52 -20.34 16.84
C PRO B 124 7.84 -19.59 16.97
N PRO B 125 7.82 -18.45 17.64
CA PRO B 125 9.06 -17.70 17.74
C PRO B 125 9.95 -18.32 18.76
N SER B 126 11.26 -18.20 18.59
CA SER B 126 12.03 -18.50 19.76
C SER B 126 12.09 -17.10 20.36
N VAL B 127 11.78 -17.05 21.64
CA VAL B 127 11.71 -15.78 22.31
C VAL B 127 12.79 -15.77 23.35
N TYR B 128 13.74 -14.86 23.19
CA TYR B 128 14.86 -14.82 24.14
C TYR B 128 14.81 -13.49 24.90
N PRO B 129 14.95 -13.55 26.22
CA PRO B 129 14.98 -12.32 26.99
C PRO B 129 16.42 -11.82 27.06
N LEU B 130 16.72 -10.68 26.45
CA LEU B 130 18.07 -10.14 26.50
C LEU B 130 18.17 -9.11 27.61
N ALA B 131 18.78 -9.49 28.73
CA ALA B 131 18.92 -8.56 29.85
C ALA B 131 20.34 -8.00 29.82
N PRO B 132 20.62 -7.02 30.76
CA PRO B 132 21.99 -6.49 30.68
C PRO B 132 22.89 -6.89 31.83
N GLY B 133 24.06 -6.27 31.86
CA GLY B 133 25.03 -6.46 32.92
C GLY B 133 25.84 -5.17 33.01
N GLY B 134 25.66 -4.37 34.06
CA GLY B 134 26.50 -3.16 34.19
C GLY B 134 25.97 -1.73 34.21
N GLY B 135 26.75 -0.84 33.61
CA GLY B 135 26.43 0.58 33.50
C GLY B 135 25.35 1.21 34.35
N ALA B 136 25.77 2.09 35.25
CA ALA B 136 24.86 2.80 36.12
C ALA B 136 25.03 4.32 35.95
N THR B 137 24.55 4.87 34.84
CA THR B 137 24.69 6.30 34.61
C THR B 137 23.38 6.99 34.20
N ASN B 138 22.27 6.64 34.85
CA ASN B 138 21.06 7.30 34.44
C ASN B 138 19.86 6.93 35.29
N SER B 139 19.91 5.73 35.86
CA SER B 139 18.80 5.23 36.65
C SER B 139 17.68 4.88 35.68
N MET B 140 17.70 5.52 34.52
CA MET B 140 16.76 5.29 33.45
C MET B 140 17.36 4.10 32.74
N VAL B 141 16.85 2.92 33.03
CA VAL B 141 17.39 1.74 32.41
C VAL B 141 16.49 1.24 31.30
N THR B 142 16.97 0.32 30.45
CA THR B 142 16.16 -0.27 29.37
C THR B 142 16.34 -1.79 29.25
N LEU B 143 15.26 -2.54 29.49
CA LEU B 143 15.25 -4.00 29.40
C LEU B 143 14.73 -4.41 28.04
N GLY B 144 15.16 -5.54 27.47
CA GLY B 144 14.57 -5.78 26.17
C GLY B 144 14.18 -7.21 25.95
N CYS B 145 13.41 -7.37 24.89
CA CYS B 145 13.06 -8.69 24.55
C CYS B 145 13.22 -8.94 23.04
N LEU B 146 13.90 -10.05 22.70
CA LEU B 146 14.05 -10.39 21.30
C LEU B 146 13.16 -11.51 20.78
N VAL B 147 12.34 -11.21 19.78
CA VAL B 147 11.42 -12.22 19.25
C VAL B 147 11.85 -12.64 17.85
N LYS B 148 12.50 -13.79 17.74
CA LYS B 148 13.22 -14.10 16.49
C LYS B 148 12.65 -15.34 15.84
N GLY B 149 12.44 -15.28 14.52
CA GLY B 149 12.17 -16.47 13.74
C GLY B 149 10.78 -17.04 13.82
N TYR B 150 9.78 -16.18 13.79
CA TYR B 150 8.40 -16.63 13.82
C TYR B 150 7.69 -16.36 12.47
N PHE B 151 6.53 -16.99 12.31
CA PHE B 151 5.69 -16.82 11.14
C PHE B 151 4.33 -17.46 11.44
N PRO B 152 3.23 -16.80 11.03
CA PRO B 152 3.28 -15.51 10.34
C PRO B 152 3.26 -14.34 11.30
N GLU B 153 3.12 -13.12 10.78
CA GLU B 153 2.86 -11.99 11.65
C GLU B 153 1.40 -12.09 12.09
N PRO B 154 1.01 -11.48 13.23
CA PRO B 154 1.78 -10.67 14.17
C PRO B 154 2.15 -11.40 15.46
N VAL B 155 2.95 -10.72 16.26
CA VAL B 155 3.06 -11.09 17.65
C VAL B 155 2.41 -9.99 18.44
N THR B 156 2.01 -10.34 19.65
CA THR B 156 1.53 -9.35 20.58
C THR B 156 2.52 -9.38 21.71
N VAL B 157 2.99 -8.20 22.05
CA VAL B 157 3.94 -8.04 23.12
C VAL B 157 3.34 -7.22 24.24
N THR B 158 3.36 -7.74 25.47
CA THR B 158 3.01 -6.90 26.60
C THR B 158 4.13 -6.95 27.67
N TRP B 159 4.08 -6.05 28.64
CA TRP B 159 5.03 -6.04 29.76
C TRP B 159 4.36 -6.08 31.10
N ASN B 160 4.79 -7.05 31.89
CA ASN B 160 4.21 -7.34 33.18
C ASN B 160 2.72 -7.44 32.81
N SER B 161 2.45 -8.24 31.77
CA SER B 161 1.06 -8.46 31.28
C SER B 161 0.30 -7.13 30.97
N GLY B 162 1.03 -6.10 30.52
CA GLY B 162 0.51 -4.77 30.14
C GLY B 162 0.44 -3.59 31.08
N SER B 163 0.87 -3.76 32.34
CA SER B 163 0.90 -2.66 33.31
C SER B 163 2.13 -1.75 33.04
N LEU B 164 3.14 -2.27 32.34
CA LEU B 164 4.25 -1.43 31.93
C LEU B 164 4.02 -0.94 30.52
N SER B 165 3.77 0.36 30.41
CA SER B 165 3.38 0.98 29.15
C SER B 165 4.01 2.37 28.92
N GLY B 166 5.08 2.72 29.63
CA GLY B 166 5.56 4.09 29.48
C GLY B 166 6.72 4.34 28.54
N GLY B 167 7.75 3.54 28.68
CA GLY B 167 8.97 3.74 27.92
C GLY B 167 9.18 2.47 27.13
N VAL B 168 8.14 1.96 26.50
CA VAL B 168 8.27 0.72 25.75
C VAL B 168 8.34 1.13 24.28
N HIS B 169 9.28 0.58 23.51
CA HIS B 169 9.20 0.82 22.07
C HIS B 169 9.15 -0.48 21.31
N THR B 170 8.03 -0.86 20.71
CA THR B 170 8.02 -2.06 19.86
C THR B 170 8.08 -1.80 18.33
N PHE B 171 9.13 -2.31 17.69
CA PHE B 171 9.45 -2.01 16.28
C PHE B 171 8.83 -2.87 15.21
N PRO B 172 8.65 -2.24 14.03
CA PRO B 172 8.15 -3.00 12.87
C PRO B 172 9.02 -4.20 12.57
N ALA B 173 8.38 -5.32 12.23
CA ALA B 173 9.05 -6.56 11.83
C ALA B 173 9.89 -6.52 10.56
N VAL B 174 10.95 -7.34 10.51
CA VAL B 174 11.75 -7.48 9.28
C VAL B 174 11.88 -8.98 8.88
N LEU B 175 12.09 -9.23 7.59
CA LEU B 175 12.28 -10.59 7.06
C LEU B 175 13.73 -10.99 7.19
N GLN B 176 13.93 -12.07 7.92
CA GLN B 176 15.22 -12.64 8.23
C GLN B 176 15.18 -14.15 8.00
N SER B 177 15.82 -14.58 6.91
CA SER B 177 15.82 -15.98 6.49
C SER B 177 14.38 -16.52 6.38
N ASP B 178 13.59 -15.86 5.54
CA ASP B 178 12.22 -16.28 5.25
C ASP B 178 11.33 -16.26 6.52
N LEU B 179 11.80 -15.64 7.58
CA LEU B 179 11.00 -15.51 8.82
C LEU B 179 10.97 -14.14 9.42
N TYR B 180 10.05 -13.91 10.34
CA TYR B 180 9.90 -12.60 10.92
C TYR B 180 10.68 -12.49 12.21
N THR B 181 11.15 -11.26 12.42
CA THR B 181 11.88 -10.88 13.62
C THR B 181 11.42 -9.49 14.06
N LEU B 182 11.29 -9.37 15.39
CA LEU B 182 11.03 -8.10 16.11
C LEU B 182 11.76 -7.92 17.42
N SER B 183 11.63 -6.71 17.92
CA SER B 183 12.25 -6.37 19.17
C SER B 183 11.24 -5.60 19.97
N SER B 184 11.41 -5.58 21.27
CA SER B 184 10.53 -4.75 22.08
C SER B 184 11.51 -4.17 23.11
N SER B 185 11.46 -2.85 23.29
CA SER B 185 12.21 -2.20 24.37
C SER B 185 11.35 -1.70 25.55
N VAL B 186 11.91 -1.65 26.77
CA VAL B 186 11.23 -0.92 27.89
C VAL B 186 12.18 -0.08 28.76
N THR B 187 11.78 1.16 29.05
CA THR B 187 12.61 2.05 29.86
C THR B 187 11.82 2.18 31.15
N VAL B 188 12.52 1.92 32.25
CA VAL B 188 11.94 1.85 33.57
C VAL B 188 12.80 2.49 34.67
N PRO B 189 12.20 2.84 35.86
CA PRO B 189 12.97 3.29 37.07
C PRO B 189 13.85 2.19 37.63
N SER B 190 15.09 2.51 38.05
CA SER B 190 16.00 1.50 38.62
C SER B 190 15.46 0.92 39.96
N SER B 191 14.56 1.66 40.63
CA SER B 191 13.94 1.14 41.84
C SER B 191 13.06 -0.09 41.72
N THR B 192 12.55 -0.33 40.50
CA THR B 192 11.68 -1.47 40.28
C THR B 192 12.35 -2.70 39.66
N TRP B 193 13.53 -2.55 39.04
CA TRP B 193 14.20 -3.73 38.50
C TRP B 193 15.72 -3.49 38.66
N PRO B 194 16.45 -4.51 39.11
CA PRO B 194 15.91 -5.86 39.32
C PRO B 194 15.40 -6.02 40.78
N SER B 195 15.10 -4.89 41.41
CA SER B 195 14.62 -4.87 42.79
C SER B 195 13.31 -5.66 42.96
N GLU B 196 12.39 -5.48 42.01
CA GLU B 196 11.25 -6.38 41.76
C GLU B 196 11.17 -6.85 40.26
N THR B 197 10.22 -7.73 39.93
CA THR B 197 10.23 -8.47 38.64
C THR B 197 9.77 -7.59 37.44
N VAL B 198 10.47 -7.68 36.31
CA VAL B 198 10.02 -7.11 35.01
C VAL B 198 9.88 -8.21 33.97
N THR B 199 8.66 -8.34 33.48
CA THR B 199 8.30 -9.42 32.58
C THR B 199 7.58 -9.09 31.21
N CYS B 200 7.96 -9.74 30.11
CA CYS B 200 7.23 -9.64 28.81
C CYS B 200 6.34 -10.80 28.48
N ASN B 201 5.08 -10.61 28.05
CA ASN B 201 4.25 -11.79 27.71
C ASN B 201 4.04 -11.68 26.19
N VAL B 202 4.47 -12.70 25.43
CA VAL B 202 4.43 -12.64 23.95
C VAL B 202 3.55 -13.74 23.33
N ALA B 203 2.49 -13.29 22.64
CA ALA B 203 1.61 -14.24 21.98
C ALA B 203 1.78 -14.31 20.47
N HIS B 204 1.91 -15.54 20.00
CA HIS B 204 1.87 -15.77 18.61
C HIS B 204 0.76 -16.81 18.42
N PRO B 205 -0.49 -16.34 18.29
CA PRO B 205 -1.72 -17.12 18.19
C PRO B 205 -1.71 -18.24 17.14
N ALA B 206 -1.10 -17.99 15.98
CA ALA B 206 -1.12 -18.94 14.88
C ALA B 206 -0.36 -20.23 15.17
N SER B 207 0.69 -20.14 15.98
CA SER B 207 1.51 -21.28 16.37
C SER B 207 1.17 -21.81 17.76
N SER B 208 0.08 -21.25 18.27
CA SER B 208 -0.50 -21.43 19.60
C SER B 208 0.56 -21.22 20.69
N THR B 209 1.34 -20.14 20.58
CA THR B 209 2.42 -19.92 21.53
C THR B 209 2.08 -18.71 22.41
N LYS B 210 2.34 -18.81 23.71
CA LYS B 210 2.08 -17.66 24.56
C LYS B 210 3.15 -17.87 25.63
N VAL B 211 4.17 -17.02 25.65
CA VAL B 211 5.30 -17.25 26.55
C VAL B 211 5.57 -16.05 27.44
N ASP B 212 5.82 -16.33 28.73
CA ASP B 212 6.22 -15.31 29.67
C ASP B 212 7.72 -15.42 29.90
N LYS B 213 8.36 -14.26 29.87
CA LYS B 213 9.77 -14.19 30.16
C LYS B 213 10.20 -13.19 31.23
N LYS B 214 10.56 -13.72 32.40
CA LYS B 214 11.08 -12.84 33.42
C LYS B 214 12.52 -12.52 32.98
N ILE B 215 12.89 -11.24 32.88
CA ILE B 215 14.30 -10.85 32.54
C ILE B 215 15.17 -10.58 33.74
N VAL B 216 16.21 -11.38 33.91
CA VAL B 216 17.13 -11.26 35.07
C VAL B 216 18.48 -11.00 34.31
N PRO B 217 19.37 -10.09 34.84
CA PRO B 217 20.68 -9.67 34.22
C PRO B 217 21.81 -10.60 33.70
N ARG B 218 22.56 -9.97 32.78
CA ARG B 218 23.71 -10.57 32.07
C ARG B 218 23.35 -11.72 31.15
N ASP C 1 2.74 8.33 -20.50
CA ASP C 1 2.32 8.39 -19.10
C ASP C 1 2.42 9.82 -18.50
N ILE C 2 1.37 10.26 -17.80
CA ILE C 2 1.51 11.53 -17.09
C ILE C 2 2.22 11.28 -15.78
N VAL C 3 3.38 11.90 -15.61
CA VAL C 3 4.14 11.76 -14.37
C VAL C 3 3.75 12.91 -13.43
N LEU C 4 3.41 12.59 -12.19
CA LEU C 4 3.08 13.60 -11.18
C LEU C 4 4.20 13.70 -10.16
N THR C 5 4.79 14.89 -10.10
CA THR C 5 5.88 15.11 -9.17
C THR C 5 5.44 15.95 -7.98
N GLN C 6 5.57 15.36 -6.80
CA GLN C 6 5.18 16.07 -5.59
C GLN C 6 6.42 16.54 -4.89
N SER C 7 6.35 17.75 -4.35
CA SER C 7 7.50 18.22 -3.58
C SER C 7 7.03 19.10 -2.44
N PRO C 8 7.83 19.10 -1.36
CA PRO C 8 8.97 18.18 -1.15
C PRO C 8 8.52 16.79 -0.78
N ALA C 9 9.46 15.87 -0.69
CA ALA C 9 9.12 14.51 -0.28
C ALA C 9 8.72 14.54 1.20
N ILE C 10 9.32 15.47 1.96
CA ILE C 10 8.98 15.62 3.36
C ILE C 10 8.84 17.07 3.69
N LEU C 11 7.82 17.36 4.49
CA LEU C 11 7.60 18.71 4.95
C LEU C 11 7.43 18.73 6.47
N SER C 12 8.22 19.56 7.16
CA SER C 12 8.09 19.73 8.62
C SER C 12 7.25 20.92 9.05
N VAL C 13 6.31 20.67 9.98
CA VAL C 13 5.38 21.71 10.40
C VAL C 13 5.12 21.75 11.91
N SER C 14 4.74 22.93 12.39
CA SER C 14 4.42 23.17 13.79
C SER C 14 2.90 23.26 13.90
N PRO C 15 2.32 22.65 14.94
CA PRO C 15 0.87 22.65 15.10
C PRO C 15 0.25 24.03 14.93
N GLY C 16 -0.85 24.07 14.17
CA GLY C 16 -1.59 25.30 13.93
C GLY C 16 -1.13 26.06 12.71
N GLU C 17 0.04 25.70 12.20
CA GLU C 17 0.64 26.35 11.05
C GLU C 17 -0.09 26.03 9.73
N ARG C 18 -0.05 26.99 8.81
CA ARG C 18 -0.59 26.78 7.47
C ARG C 18 0.45 26.19 6.55
N VAL C 19 0.08 25.10 5.88
CA VAL C 19 0.99 24.42 4.95
C VAL C 19 0.36 24.20 3.58
N SER C 20 1.24 24.04 2.60
CA SER C 20 0.86 23.79 1.22
C SER C 20 1.82 22.75 0.64
N PHE C 21 1.36 21.93 -0.30
CA PHE C 21 2.30 21.07 -0.98
C PHE C 21 1.96 20.97 -2.42
N SER C 22 2.93 20.50 -3.22
CA SER C 22 2.69 20.75 -4.61
C SER C 22 2.73 19.43 -5.38
N CYS C 23 1.95 19.43 -6.47
CA CYS C 23 1.87 18.35 -7.43
C CYS C 23 1.99 18.93 -8.82
N ARG C 24 2.99 18.52 -9.58
CA ARG C 24 3.11 19.06 -10.91
C ARG C 24 3.05 17.96 -11.96
N ALA C 25 2.19 18.14 -12.97
CA ALA C 25 2.01 17.12 -14.00
C ALA C 25 2.81 17.44 -15.28
N SER C 26 3.36 16.39 -15.89
CA SER C 26 4.18 16.54 -17.08
C SER C 26 3.33 16.96 -18.28
N GLN C 27 2.02 16.78 -18.21
CA GLN C 27 1.14 17.24 -19.30
C GLN C 27 -0.04 17.99 -18.72
N ASN C 28 -0.70 18.83 -19.53
CA ASN C 28 -1.88 19.52 -19.03
C ASN C 28 -3.02 18.54 -18.73
N ILE C 29 -3.52 18.59 -17.50
CA ILE C 29 -4.58 17.67 -17.14
C ILE C 29 -5.84 18.37 -16.72
N GLY C 30 -5.90 19.66 -17.03
CA GLY C 30 -7.06 20.44 -16.66
C GLY C 30 -7.22 20.43 -15.18
N THR C 31 -8.40 20.05 -14.70
CA THR C 31 -8.65 19.96 -13.26
C THR C 31 -8.69 18.52 -12.77
N SER C 32 -8.17 17.61 -13.57
CA SER C 32 -8.29 16.20 -13.30
C SER C 32 -7.26 15.73 -12.29
N ILE C 33 -7.14 16.43 -11.18
CA ILE C 33 -6.22 16.00 -10.12
C ILE C 33 -6.99 15.88 -8.83
N HIS C 34 -6.69 14.82 -8.08
CA HIS C 34 -7.38 14.58 -6.82
C HIS C 34 -6.31 14.33 -5.74
N TRP C 35 -6.62 14.65 -4.49
CA TRP C 35 -5.67 14.51 -3.40
C TRP C 35 -6.11 13.51 -2.36
N TYR C 36 -5.17 12.70 -1.86
CA TYR C 36 -5.49 11.73 -0.82
C TYR C 36 -4.64 11.82 0.45
N GLN C 37 -5.29 11.56 1.57
CA GLN C 37 -4.58 11.52 2.84
C GLN C 37 -4.51 10.10 3.34
N GLN C 38 -3.33 9.70 3.79
CA GLN C 38 -3.16 8.37 4.32
C GLN C 38 -2.38 8.40 5.64
N ARG C 39 -3.06 8.17 6.76
CA ARG C 39 -2.38 8.08 8.06
C ARG C 39 -1.79 6.68 8.20
N THR C 40 -0.74 6.53 9.02
CA THR C 40 -0.10 5.23 9.24
C THR C 40 -1.14 4.15 9.50
N ASN C 41 -1.00 3.04 8.77
CA ASN C 41 -1.86 1.86 8.84
C ASN C 41 -3.33 2.13 8.56
N GLU C 42 -3.60 3.10 7.72
CA GLU C 42 -4.98 3.34 7.34
C GLU C 42 -5.10 3.40 5.83
N SER C 43 -6.33 3.29 5.34
CA SER C 43 -6.55 3.47 3.93
C SER C 43 -6.41 4.93 3.59
N PRO C 44 -6.10 5.22 2.32
CA PRO C 44 -6.13 6.60 1.86
C PRO C 44 -7.58 7.14 1.89
N ARG C 45 -7.68 8.45 1.94
CA ARG C 45 -8.97 9.11 1.99
C ARG C 45 -9.02 10.31 1.06
N LEU C 46 -10.10 10.44 0.30
CA LEU C 46 -10.24 11.59 -0.59
C LEU C 46 -10.48 12.85 0.22
N ILE C 47 -9.69 13.87 -0.08
CA ILE C 47 -9.68 15.10 0.69
C ILE C 47 -10.08 16.24 -0.25
N ILE C 48 -9.63 16.17 -1.50
CA ILE C 48 -10.02 17.15 -2.51
C ILE C 48 -10.13 16.44 -3.86
N LYS C 49 -11.18 16.76 -4.60
CA LYS C 49 -11.33 16.20 -5.93
C LYS C 49 -11.31 17.35 -6.92
N TYR C 50 -10.89 17.05 -8.15
CA TYR C 50 -10.84 18.04 -9.23
C TYR C 50 -10.23 19.35 -8.83
N ALA C 51 -9.01 19.21 -8.29
CA ALA C 51 -8.11 20.30 -7.94
C ALA C 51 -8.62 21.07 -6.75
N SER C 52 -9.93 21.33 -6.70
CA SER C 52 -10.48 22.29 -5.72
C SER C 52 -11.86 21.99 -5.07
N GLU C 53 -12.53 20.89 -5.40
CA GLU C 53 -13.88 20.67 -4.91
C GLU C 53 -13.84 20.02 -3.55
N SER C 54 -14.60 20.55 -2.58
CA SER C 54 -14.53 19.99 -1.21
C SER C 54 -15.24 18.66 -1.18
N ILE C 55 -14.94 17.88 -0.14
CA ILE C 55 -15.48 16.55 0.00
C ILE C 55 -16.31 16.45 1.27
N SER C 56 -17.46 15.79 1.14
CA SER C 56 -18.37 15.59 2.28
C SER C 56 -17.64 14.92 3.42
N GLY C 57 -17.74 15.55 4.58
CA GLY C 57 -17.19 15.05 5.85
C GLY C 57 -15.72 15.35 6.07
N ILE C 58 -15.10 16.10 5.16
CA ILE C 58 -13.71 16.54 5.33
C ILE C 58 -13.64 17.99 5.86
N PRO C 59 -12.76 18.24 6.84
CA PRO C 59 -12.64 19.57 7.47
C PRO C 59 -12.40 20.69 6.46
N SER C 60 -13.08 21.81 6.63
CA SER C 60 -12.97 22.91 5.69
C SER C 60 -11.56 23.53 5.60
N ARG C 61 -10.67 23.18 6.55
CA ARG C 61 -9.30 23.68 6.55
C ARG C 61 -8.49 23.20 5.36
N PHE C 62 -8.94 22.10 4.73
CA PHE C 62 -8.33 21.61 3.51
C PHE C 62 -8.90 22.33 2.29
N SER C 63 -8.04 22.81 1.40
CA SER C 63 -8.49 23.39 0.13
C SER C 63 -7.46 23.07 -0.93
N GLY C 64 -7.84 23.15 -2.20
CA GLY C 64 -6.87 22.95 -3.26
C GLY C 64 -7.08 23.95 -4.38
N SER C 65 -6.02 24.25 -5.12
CA SER C 65 -6.11 25.16 -6.25
C SER C 65 -5.20 24.68 -7.38
N GLY C 66 -5.39 25.28 -8.53
CA GLY C 66 -4.57 25.07 -9.72
C GLY C 66 -5.36 24.53 -10.88
N SER C 67 -4.84 24.73 -12.09
CA SER C 67 -5.48 24.23 -13.30
C SER C 67 -4.44 24.23 -14.40
N GLY C 68 -4.33 23.11 -15.08
CA GLY C 68 -3.34 22.96 -16.11
C GLY C 68 -2.28 21.99 -15.65
N THR C 69 -1.16 22.46 -15.13
CA THR C 69 -0.10 21.53 -14.77
C THR C 69 0.42 21.65 -13.34
N ASP C 70 0.18 22.81 -12.73
CA ASP C 70 0.75 23.09 -11.42
C ASP C 70 -0.36 23.17 -10.38
N PHE C 71 -0.36 22.22 -9.44
CA PHE C 71 -1.43 22.16 -8.44
C PHE C 71 -0.91 22.23 -7.01
N THR C 72 -1.72 22.80 -6.12
CA THR C 72 -1.34 22.95 -4.71
C THR C 72 -2.47 22.56 -3.77
N LEU C 73 -2.09 21.83 -2.74
CA LEU C 73 -2.99 21.54 -1.63
C LEU C 73 -2.64 22.33 -0.38
N SER C 74 -3.63 22.93 0.26
CA SER C 74 -3.33 23.65 1.47
C SER C 74 -4.17 23.18 2.69
N ILE C 75 -3.50 23.18 3.83
CA ILE C 75 -4.15 22.94 5.10
C ILE C 75 -4.00 24.21 5.89
N ASN C 76 -5.14 24.83 6.16
CA ASN C 76 -5.17 26.14 6.80
C ASN C 76 -4.46 26.17 8.14
N SER C 77 -4.76 25.17 8.97
CA SER C 77 -4.24 25.10 10.34
C SER C 77 -4.00 23.63 10.74
N VAL C 78 -2.75 23.20 10.78
CA VAL C 78 -2.49 21.77 10.98
C VAL C 78 -2.91 21.21 12.35
N GLU C 79 -3.61 20.09 12.37
CA GLU C 79 -3.94 19.48 13.64
C GLU C 79 -3.20 18.15 13.57
N SER C 80 -2.96 17.54 14.73
CA SER C 80 -2.15 16.32 14.81
C SER C 80 -2.69 15.21 13.91
N GLU C 81 -3.99 15.18 13.73
CA GLU C 81 -4.65 14.15 12.96
C GLU C 81 -4.34 14.36 11.46
N ASP C 82 -3.75 15.49 11.13
CA ASP C 82 -3.40 15.77 9.76
C ASP C 82 -2.04 15.18 9.44
N ILE C 83 -1.33 14.71 10.46
CA ILE C 83 -0.03 14.09 10.22
C ILE C 83 -0.21 12.76 9.48
N ALA C 84 0.38 12.69 8.29
CA ALA C 84 0.06 11.65 7.31
C ALA C 84 0.86 11.83 6.01
N ASP C 85 0.73 10.84 5.13
CA ASP C 85 1.23 11.00 3.78
C ASP C 85 0.12 11.48 2.89
N TYR C 86 0.49 12.30 1.92
CA TYR C 86 -0.45 12.92 0.97
C TYR C 86 -0.05 12.62 -0.48
N TYR C 87 -0.99 12.12 -1.28
CA TYR C 87 -0.71 11.76 -2.66
C TYR C 87 -1.63 12.53 -3.60
N CYS C 88 -1.12 12.97 -4.75
CA CYS C 88 -2.01 13.48 -5.81
C CYS C 88 -2.14 12.41 -6.85
N GLN C 89 -3.22 12.47 -7.59
CA GLN C 89 -3.49 11.46 -8.62
C GLN C 89 -4.23 12.09 -9.75
N GLN C 90 -3.91 11.71 -10.98
CA GLN C 90 -4.66 12.20 -12.13
C GLN C 90 -5.55 11.11 -12.74
N SER C 91 -6.69 11.53 -13.24
CA SER C 91 -7.71 10.68 -13.83
C SER C 91 -8.09 11.18 -15.24
N ASN C 92 -7.23 12.01 -15.82
CA ASN C 92 -7.52 12.56 -17.12
C ASN C 92 -7.46 11.48 -18.24
N THR C 93 -6.41 10.68 -18.25
CA THR C 93 -6.24 9.64 -19.26
C THR C 93 -5.55 8.41 -18.68
N TRP C 94 -5.62 7.29 -19.41
CA TRP C 94 -4.93 6.07 -18.95
C TRP C 94 -3.46 6.26 -19.24
N PRO C 95 -2.56 5.74 -18.39
CA PRO C 95 -2.85 5.06 -17.12
C PRO C 95 -3.08 6.11 -16.02
N TYR C 96 -3.87 5.78 -15.00
CA TYR C 96 -3.92 6.59 -13.80
C TYR C 96 -2.50 6.68 -13.29
N THR C 97 -2.11 7.84 -12.78
CA THR C 97 -0.81 7.89 -12.16
C THR C 97 -0.91 8.56 -10.82
N PHE C 98 0.01 8.24 -9.93
CA PHE C 98 0.02 8.84 -8.60
C PHE C 98 1.32 9.59 -8.40
N GLY C 99 1.26 10.70 -7.66
CA GLY C 99 2.50 11.30 -7.17
C GLY C 99 3.19 10.38 -6.19
N GLY C 100 4.46 10.67 -5.91
CA GLY C 100 5.23 9.85 -5.02
C GLY C 100 4.94 10.19 -3.57
N GLY C 101 4.16 11.23 -3.35
CA GLY C 101 3.78 11.51 -1.99
C GLY C 101 4.65 12.54 -1.28
N THR C 102 4.02 13.25 -0.35
CA THR C 102 4.69 14.18 0.55
C THR C 102 4.34 13.77 1.98
N LYS C 103 5.36 13.54 2.80
CA LYS C 103 5.10 13.13 4.19
C LYS C 103 5.05 14.35 5.08
N LEU C 104 3.97 14.46 5.86
CA LEU C 104 3.92 15.56 6.81
C LEU C 104 4.35 15.05 8.17
N GLU C 105 5.25 15.79 8.81
CA GLU C 105 5.63 15.49 10.18
C GLU C 105 5.71 16.83 10.91
N LEU C 106 5.66 16.71 12.22
CA LEU C 106 5.71 17.80 13.17
C LEU C 106 7.14 18.26 13.42
N LYS C 107 7.39 19.57 13.39
CA LYS C 107 8.73 20.07 13.74
C LYS C 107 8.89 20.11 15.25
N ARG C 108 10.02 19.59 15.69
CA ARG C 108 10.37 19.64 17.07
C ARG C 108 11.84 19.85 17.31
N ALA C 109 12.15 19.97 18.60
CA ALA C 109 13.52 20.16 19.04
C ALA C 109 14.36 18.96 18.71
N ASP C 110 15.60 19.21 18.32
CA ASP C 110 16.56 18.15 18.10
C ASP C 110 16.71 17.42 19.45
N ALA C 111 16.83 16.09 19.49
CA ALA C 111 16.99 15.36 20.77
C ALA C 111 17.93 14.17 20.57
N ALA C 112 18.99 14.02 21.36
CA ALA C 112 19.88 12.88 21.14
C ALA C 112 19.33 11.48 21.49
N PRO C 113 19.85 10.44 20.80
CA PRO C 113 19.37 9.08 21.03
C PRO C 113 19.77 8.42 22.35
N THR C 114 18.83 7.67 22.94
CA THR C 114 19.12 6.71 23.98
C THR C 114 19.50 5.42 23.26
N VAL C 115 20.74 5.01 23.42
CA VAL C 115 21.29 3.91 22.64
C VAL C 115 21.45 2.71 23.57
N SER C 116 20.99 1.52 23.18
CA SER C 116 21.20 0.38 24.08
C SER C 116 21.78 -0.84 23.35
N ILE C 117 22.86 -1.42 23.88
CA ILE C 117 23.37 -2.62 23.20
C ILE C 117 23.22 -3.81 24.12
N PHE C 118 22.89 -4.92 23.49
CA PHE C 118 22.62 -6.20 24.16
C PHE C 118 23.25 -7.46 23.60
N PRO C 119 23.85 -8.26 24.48
CA PRO C 119 24.43 -9.57 24.13
C PRO C 119 23.43 -10.73 23.99
N PRO C 120 23.89 -11.85 23.36
CA PRO C 120 23.13 -13.08 23.18
C PRO C 120 22.57 -13.63 24.46
N SER C 121 21.36 -14.16 24.40
CA SER C 121 20.87 -14.80 25.58
C SER C 121 21.71 -16.04 25.81
N SER C 122 21.81 -16.49 27.05
CA SER C 122 22.46 -17.76 27.34
C SER C 122 21.65 -18.87 26.66
N GLU C 123 20.32 -18.67 26.72
CA GLU C 123 19.30 -19.51 26.10
C GLU C 123 19.66 -19.69 24.64
N GLN C 124 19.85 -18.57 23.96
CA GLN C 124 20.18 -18.55 22.55
C GLN C 124 21.57 -19.13 22.25
N LEU C 125 22.54 -18.84 23.12
CA LEU C 125 23.88 -19.36 22.90
C LEU C 125 23.80 -20.89 22.94
N THR C 126 22.91 -21.44 23.76
CA THR C 126 22.73 -22.91 23.80
C THR C 126 22.16 -23.57 22.53
N SER C 127 21.33 -22.79 21.82
CA SER C 127 20.55 -23.14 20.61
C SER C 127 21.02 -22.91 19.18
N GLY C 128 22.24 -22.42 19.07
CA GLY C 128 22.93 -22.10 17.83
C GLY C 128 22.79 -20.70 17.23
N GLY C 129 22.19 -19.80 17.98
CA GLY C 129 22.07 -18.42 17.50
C GLY C 129 22.90 -17.46 18.31
N ALA C 130 23.32 -16.33 17.77
CA ALA C 130 24.02 -15.41 18.62
C ALA C 130 23.56 -14.09 18.07
N SER C 131 22.62 -13.43 18.72
CA SER C 131 22.27 -12.11 18.23
C SER C 131 22.60 -10.98 19.23
N VAL C 132 23.42 -10.02 18.80
CA VAL C 132 23.77 -8.84 19.60
C VAL C 132 22.90 -7.70 18.99
N VAL C 133 22.14 -7.01 19.83
CA VAL C 133 21.15 -6.01 19.39
C VAL C 133 21.52 -4.54 19.71
N CYS C 134 21.20 -3.63 18.79
CA CYS C 134 21.43 -2.20 19.01
C CYS C 134 20.17 -1.32 18.79
N PHE C 135 19.80 -0.59 19.85
CA PHE C 135 18.70 0.39 19.85
C PHE C 135 19.09 1.86 19.79
N LEU C 136 18.47 2.62 18.92
CA LEU C 136 18.68 4.06 18.89
C LEU C 136 17.37 4.81 19.14
N ASN C 137 17.13 5.25 20.36
CA ASN C 137 15.78 5.69 20.68
C ASN C 137 15.63 7.20 20.81
N ASN C 138 14.46 7.68 20.40
CA ASN C 138 13.98 9.04 20.57
C ASN C 138 14.88 10.16 20.03
N PHE C 139 15.34 10.10 18.77
CA PHE C 139 16.13 11.23 18.25
C PHE C 139 15.35 11.99 17.10
N TYR C 140 15.73 13.24 16.77
CA TYR C 140 15.13 14.10 15.71
C TYR C 140 15.98 15.23 15.07
N PRO C 141 15.84 15.48 13.75
CA PRO C 141 15.03 14.99 12.60
C PRO C 141 15.40 13.66 11.92
N LYS C 142 14.66 13.24 10.87
CA LYS C 142 14.84 11.87 10.37
C LYS C 142 16.09 11.35 9.69
N ASP C 143 16.75 12.16 8.88
CA ASP C 143 17.87 11.60 8.13
C ASP C 143 19.01 11.10 8.95
N ILE C 144 19.42 9.88 8.66
CA ILE C 144 20.55 9.25 9.35
C ILE C 144 21.05 8.00 8.61
N ASN C 145 22.37 7.81 8.58
CA ASN C 145 22.89 6.59 7.98
C ASN C 145 23.63 5.92 9.12
N VAL C 146 23.48 4.61 9.23
CA VAL C 146 24.12 3.86 10.30
C VAL C 146 25.10 2.96 9.60
N LYS C 147 26.21 3.09 10.28
CA LYS C 147 27.50 2.53 10.15
C LYS C 147 27.86 1.70 11.40
N TRP C 148 28.39 0.54 11.15
CA TRP C 148 28.97 -0.59 11.91
C TRP C 148 30.57 -0.68 11.92
N LYS C 149 31.49 -1.17 12.76
CA LYS C 149 32.91 -1.15 12.26
C LYS C 149 33.41 -2.55 12.60
N ILE C 150 34.28 -3.28 11.80
CA ILE C 150 34.81 -4.62 12.29
C ILE C 150 36.28 -4.40 12.44
N ASP C 151 36.74 -4.38 13.68
CA ASP C 151 38.16 -4.17 14.00
C ASP C 151 38.76 -3.13 13.09
N GLY C 152 38.00 -2.10 12.73
CA GLY C 152 38.50 -1.05 11.88
C GLY C 152 38.16 -1.31 10.40
N SER C 153 37.83 -2.54 10.04
CA SER C 153 37.49 -2.93 8.70
C SER C 153 35.90 -2.96 8.80
N GLU C 154 35.12 -3.12 7.70
CA GLU C 154 33.59 -3.26 7.65
C GLU C 154 32.74 -2.72 6.49
N ARG C 155 31.53 -3.32 6.39
CA ARG C 155 30.38 -3.01 5.44
C ARG C 155 29.41 -4.22 5.25
N GLN C 156 28.09 -3.96 5.09
CA GLN C 156 27.08 -5.01 4.94
C GLN C 156 26.67 -6.01 6.02
N ASN C 157 27.38 -7.13 6.11
CA ASN C 157 26.81 -8.39 6.67
C ASN C 157 25.94 -8.36 7.92
N GLY C 158 24.91 -9.18 7.82
CA GLY C 158 23.90 -9.50 8.82
C GLY C 158 23.11 -8.53 9.68
N VAL C 159 23.05 -7.27 9.27
CA VAL C 159 22.29 -6.23 9.97
C VAL C 159 21.01 -5.82 9.28
N LEU C 160 19.89 -5.97 9.99
CA LEU C 160 18.58 -5.55 9.49
C LEU C 160 18.06 -4.42 10.38
N ASN C 161 17.61 -3.35 9.70
CA ASN C 161 17.20 -2.12 10.35
C ASN C 161 15.68 -1.92 10.23
N SER C 162 15.11 -1.24 11.24
CA SER C 162 13.67 -0.91 11.28
C SER C 162 13.41 0.43 11.96
N GLU C 163 12.52 1.26 11.41
CA GLU C 163 12.34 2.61 11.97
C GLU C 163 10.92 2.84 12.44
N THR C 164 10.71 3.50 13.56
CA THR C 164 9.31 3.79 13.86
C THR C 164 9.05 5.14 13.18
N ASP C 165 7.81 5.54 12.88
CA ASP C 165 7.52 6.92 12.44
C ASP C 165 7.42 7.67 13.76
N GLN C 166 7.37 8.98 13.67
CA GLN C 166 7.33 9.86 14.80
C GLN C 166 6.21 9.58 15.81
N ASP C 167 6.67 9.53 17.07
CA ASP C 167 5.86 9.30 18.26
C ASP C 167 4.89 10.47 18.45
N SER C 168 3.65 10.12 18.73
CA SER C 168 2.60 11.09 18.87
C SER C 168 2.82 12.04 20.04
N LYS C 169 3.50 11.59 21.08
CA LYS C 169 3.68 12.41 22.25
C LYS C 169 4.92 13.34 22.11
N ASP C 170 6.11 12.76 21.89
CA ASP C 170 7.34 13.56 21.86
C ASP C 170 7.86 13.89 20.42
N SER C 171 7.15 13.42 19.40
CA SER C 171 7.40 13.72 17.95
C SER C 171 8.80 13.31 17.43
N THR C 172 9.42 12.44 18.17
CA THR C 172 10.71 11.85 17.91
C THR C 172 10.67 10.41 17.31
N TYR C 173 11.87 9.91 17.02
CA TYR C 173 12.16 8.56 16.58
C TYR C 173 13.09 7.67 17.35
N SER C 174 12.84 6.40 17.08
CA SER C 174 13.59 5.29 17.57
C SER C 174 13.84 4.39 16.36
N MET C 175 14.92 3.66 16.45
CA MET C 175 15.41 2.76 15.45
C MET C 175 15.92 1.46 16.06
N SER C 176 15.71 0.34 15.38
CA SER C 176 16.25 -0.94 15.86
C SER C 176 17.18 -1.53 14.80
N SER C 177 18.37 -1.93 15.22
CA SER C 177 19.31 -2.51 14.28
C SER C 177 19.89 -3.81 14.77
N THR C 178 19.77 -4.88 13.99
CA THR C 178 20.30 -6.12 14.54
C THR C 178 21.27 -6.72 13.50
N LEU C 179 22.54 -6.88 13.92
CA LEU C 179 23.53 -7.55 13.05
C LEU C 179 23.68 -8.97 13.59
N THR C 180 23.30 -9.91 12.74
CA THR C 180 23.31 -11.32 13.01
C THR C 180 24.36 -12.17 12.36
N LEU C 181 25.02 -12.98 13.17
CA LEU C 181 26.03 -13.85 12.65
C LEU C 181 25.61 -15.18 13.25
N THR C 182 26.09 -16.30 12.69
CA THR C 182 25.96 -17.61 13.36
C THR C 182 26.98 -17.50 14.50
N LYS C 183 26.84 -18.14 15.65
CA LYS C 183 27.95 -17.98 16.61
C LYS C 183 29.36 -18.33 16.29
N ASP C 184 29.77 -19.31 15.48
CA ASP C 184 31.25 -19.34 15.40
C ASP C 184 31.65 -18.04 14.76
N GLU C 185 30.78 -17.48 13.94
CA GLU C 185 31.06 -16.20 13.32
C GLU C 185 31.30 -15.28 14.53
N TYR C 186 30.39 -15.45 15.50
CA TYR C 186 30.36 -14.75 16.76
C TYR C 186 31.66 -15.06 17.53
N GLU C 187 32.11 -16.33 17.44
CA GLU C 187 33.25 -16.88 18.15
C GLU C 187 34.62 -16.43 17.63
N ARG C 188 34.77 -15.91 16.39
CA ARG C 188 36.11 -15.45 15.99
C ARG C 188 36.50 -14.15 16.62
N HIS C 189 35.59 -13.53 17.34
CA HIS C 189 35.99 -12.31 17.93
C HIS C 189 35.26 -12.44 19.24
N ASN C 190 35.60 -11.53 20.16
CA ASN C 190 35.15 -11.57 21.54
C ASN C 190 34.36 -10.18 21.66
N THR C 191 34.79 -9.04 21.12
CA THR C 191 34.10 -7.75 21.44
C THR C 191 33.22 -7.15 20.38
N TYR C 192 32.04 -6.79 20.88
CA TYR C 192 30.99 -6.23 20.06
C TYR C 192 30.56 -4.87 20.53
N THR C 193 30.58 -4.06 19.48
CA THR C 193 30.44 -2.62 19.37
C THR C 193 29.13 -2.02 18.85
N CYS C 194 28.57 -0.97 19.45
CA CYS C 194 27.40 -0.30 18.86
C CYS C 194 27.95 1.00 18.23
N GLU C 195 27.39 1.42 17.10
CA GLU C 195 27.87 2.65 16.45
C GLU C 195 26.75 3.43 15.79
N ALA C 196 27.04 4.65 15.31
CA ALA C 196 26.04 5.54 14.69
C ALA C 196 26.53 6.60 13.65
N THR C 197 25.85 7.75 13.62
CA THR C 197 26.15 8.88 12.74
C THR C 197 25.36 10.10 13.20
N HIS C 198 24.06 10.04 12.97
CA HIS C 198 23.15 11.18 13.37
C HIS C 198 23.60 12.66 13.19
N LYS C 199 22.64 13.58 13.25
CA LYS C 199 22.84 15.07 13.10
C LYS C 199 23.48 15.83 14.20
N THR C 200 23.19 15.38 15.42
CA THR C 200 23.62 16.12 16.61
C THR C 200 25.15 16.32 16.63
N SER C 201 25.86 15.53 15.84
CA SER C 201 27.31 15.65 15.80
C SER C 201 27.92 15.01 14.55
N THR C 202 28.94 15.63 13.97
CA THR C 202 29.68 15.05 12.83
C THR C 202 30.48 13.88 13.43
N SER C 203 30.52 13.85 14.75
CA SER C 203 31.18 12.80 15.53
C SER C 203 30.28 11.67 15.92
N PRO C 204 30.57 10.51 15.37
CA PRO C 204 29.87 9.30 15.75
C PRO C 204 29.82 8.82 17.25
N ILE C 205 28.62 8.35 17.56
CA ILE C 205 28.02 7.62 18.68
C ILE C 205 28.86 6.45 19.19
N VAL C 206 29.29 6.22 20.42
CA VAL C 206 29.58 4.78 20.75
C VAL C 206 29.35 4.22 22.17
N LYS C 207 28.63 3.10 22.25
CA LYS C 207 28.59 2.41 23.54
C LYS C 207 29.17 1.10 23.08
N SER C 208 30.04 0.53 23.89
CA SER C 208 30.77 -0.68 23.51
C SER C 208 31.49 -1.71 24.46
N PHE C 209 31.93 -2.75 23.76
CA PHE C 209 32.73 -3.96 24.04
C PHE C 209 31.88 -5.07 24.67
N ASN C 210 32.55 -6.11 25.14
CA ASN C 210 31.95 -7.30 25.78
C ASN C 210 31.98 -7.85 27.23
N ARG C 211 31.73 -9.18 27.16
CA ARG C 211 31.61 -10.22 28.20
C ARG C 211 32.89 -10.33 29.04
N ASN C 212 34.06 -10.21 28.41
CA ASN C 212 35.30 -10.35 29.17
C ASN C 212 35.39 -9.21 30.19
N GLU C 213 34.41 -8.29 30.14
CA GLU C 213 34.29 -7.14 31.04
C GLU C 213 32.85 -6.89 31.47
NA NA D . -10.32 18.53 15.42
#